data_3HN7
#
_entry.id   3HN7
#
_cell.length_a   105.452
_cell.length_b   52.755
_cell.length_c   89.986
_cell.angle_alpha   90.000
_cell.angle_beta   98.470
_cell.angle_gamma   90.000
#
_symmetry.space_group_name_H-M   'C 1 2 1'
#
loop_
_entity.id
_entity.type
_entity.pdbx_description
1 polymer 'UDP-N-acetylmuramate-L-alanine ligase'
2 water water
#
_entity_poly.entity_id   1
_entity_poly.type   'polypeptide(L)'
_entity_poly.pdbx_seq_one_letter_code
;(MSE)GSDKIHHHHHHENLYFQG(MSE)HIHILGICGTF(MSE)GSLALLARALGHTVTGSDANIYPP(MSE)STQLEQA
GVTIEEGYLIAHLQPAPDLVVVGNA(MSE)KRG(MSE)DVIEY(MSE)LDTGLRYTSGPQFLSEQVLQSRHVIAVAGTHG
KTTTTT(MSE)LAWILHYAGIDAGFLIGGVPLVNTTDTNLQQVFAHSSYLGTEKDDSDNSVNTGYFVIEADEYDSAFFDK
RSKFVHYRPRTAILNNLEFDHADIFADLDAIQTQFHH(MSE)VR(MSE)IPSTGKII(MSE)PAATISLEDTLAKGVWTP
IWRTSVIDSTISSVRREDSPLENSQAENSSDWQAELISADGSQFTVSFNDNKEATALVNWS(MSE)SGLHNVNNALVAIA
AAYNIGVSVKTACAALSAFAGIKRR(MSE)ELIGDVNDILVFDDFAHHPTAITTTLDGAKKKLADRRLWAIIEPRSNT
(MSE)K(MSE)GIHQDSLAQSATLADHTLWYEPTGLEWGLKEVIDNATIANPSIGSQQVLSSVDDIIKHICTHAKAGDAI
VI(MSE)SNGGFEGIHQRLLTALGNIVAIL
;
_entity_poly.pdbx_strand_id   A
#
# COMPACT_ATOMS: atom_id res chain seq x y z
N GLY A 19 18.08 -23.35 -1.44
CA GLY A 19 18.42 -22.15 -0.59
C GLY A 19 19.47 -21.18 -1.18
N MSE A 20 19.04 -20.39 -2.16
CA MSE A 20 19.95 -19.46 -2.83
C MSE A 20 20.30 -18.28 -1.97
O MSE A 20 19.61 -17.98 -0.97
CB MSE A 20 19.26 -18.82 -4.03
CG MSE A 20 18.55 -19.74 -4.93
SE MSE A 20 17.20 -18.62 -5.66
CE MSE A 20 18.17 -18.07 -6.98
N HIS A 21 21.33 -17.58 -2.40
CA HIS A 21 21.73 -16.32 -1.82
C HIS A 21 21.18 -15.23 -2.75
N ILE A 22 20.24 -14.46 -2.22
CA ILE A 22 19.59 -13.41 -2.93
C ILE A 22 20.10 -12.10 -2.35
N HIS A 23 20.45 -11.15 -3.21
CA HIS A 23 20.78 -9.80 -2.73
C HIS A 23 19.75 -8.80 -3.25
N ILE A 24 19.22 -8.00 -2.35
CA ILE A 24 18.17 -7.04 -2.70
C ILE A 24 18.70 -5.62 -2.59
N LEU A 25 18.57 -4.86 -3.68
CA LEU A 25 18.94 -3.47 -3.76
C LEU A 25 17.72 -2.62 -3.42
N GLY A 26 17.87 -1.83 -2.36
CA GLY A 26 16.80 -0.97 -1.82
C GLY A 26 16.01 -1.68 -0.73
N ILE A 27 16.69 -2.51 0.05
CA ILE A 27 16.01 -3.49 0.88
C ILE A 27 15.24 -2.93 2.07
N CYS A 28 15.51 -1.70 2.51
CA CYS A 28 14.79 -1.13 3.66
CA CYS A 28 14.81 -1.15 3.67
C CYS A 28 13.44 -0.53 3.32
N GLY A 29 13.16 -0.35 2.05
CA GLY A 29 11.86 0.14 1.64
C GLY A 29 10.80 -0.94 1.86
N THR A 30 9.56 -0.52 1.98
CA THR A 30 8.50 -1.47 2.33
C THR A 30 8.35 -2.64 1.35
N PHE A 31 8.24 -2.35 0.05
CA PHE A 31 8.03 -3.40 -0.91
C PHE A 31 9.23 -4.38 -0.99
N MSE A 32 10.42 -3.83 -1.16
CA MSE A 32 11.59 -4.66 -1.32
C MSE A 32 11.93 -5.42 -0.02
O MSE A 32 12.34 -6.58 -0.04
CB MSE A 32 12.77 -3.81 -1.79
CG MSE A 32 12.54 -3.06 -3.15
SE MSE A 32 12.02 -4.24 -4.59
CE MSE A 32 13.63 -4.86 -4.67
N GLY A 33 11.74 -4.76 1.14
CA GLY A 33 11.89 -5.42 2.43
C GLY A 33 10.90 -6.54 2.62
N SER A 34 9.66 -6.34 2.13
CA SER A 34 8.67 -7.42 2.16
C SER A 34 9.15 -8.61 1.36
N LEU A 35 9.78 -8.39 0.22
CA LEU A 35 10.29 -9.50 -0.58
C LEU A 35 11.37 -10.23 0.16
N ALA A 36 12.24 -9.47 0.86
CA ALA A 36 13.31 -10.02 1.65
C ALA A 36 12.74 -10.95 2.71
N LEU A 37 11.72 -10.48 3.44
CA LEU A 37 11.08 -11.30 4.47
C LEU A 37 10.43 -12.59 3.92
N LEU A 38 9.76 -12.47 2.77
CA LEU A 38 9.18 -13.62 2.15
C LEU A 38 10.26 -14.62 1.70
N ALA A 39 11.36 -14.08 1.16
CA ALA A 39 12.50 -14.87 0.71
C ALA A 39 13.10 -15.68 1.86
N ARG A 40 13.25 -15.03 3.01
CA ARG A 40 13.72 -15.74 4.22
C ARG A 40 12.76 -16.85 4.63
N ALA A 41 11.46 -16.56 4.58
CA ALA A 41 10.42 -17.57 4.93
C ALA A 41 10.49 -18.76 3.96
N LEU A 42 10.95 -18.51 2.73
CA LEU A 42 11.15 -19.57 1.76
C LEU A 42 12.40 -20.39 2.01
N GLY A 43 13.29 -19.90 2.87
CA GLY A 43 14.52 -20.58 3.18
C GLY A 43 15.74 -20.01 2.49
N HIS A 44 15.57 -18.91 1.75
CA HIS A 44 16.73 -18.33 1.05
C HIS A 44 17.62 -17.54 2.03
N THR A 45 18.90 -17.45 1.71
CA THR A 45 19.80 -16.53 2.40
C THR A 45 19.64 -15.15 1.73
N VAL A 46 19.49 -14.11 2.55
CA VAL A 46 19.13 -12.78 2.01
C VAL A 46 20.04 -11.70 2.57
N THR A 47 20.68 -10.99 1.65
CA THR A 47 21.49 -9.84 1.99
C THR A 47 20.90 -8.65 1.24
N GLY A 48 21.29 -7.45 1.61
CA GLY A 48 20.78 -6.29 0.91
C GLY A 48 21.56 -5.03 1.14
N SER A 49 21.29 -4.05 0.27
CA SER A 49 21.87 -2.74 0.33
C SER A 49 20.77 -1.68 0.41
N ASP A 50 21.04 -0.63 1.15
CA ASP A 50 20.19 0.55 1.14
C ASP A 50 21.03 1.75 1.52
N ALA A 51 20.67 2.94 1.07
CA ALA A 51 21.44 4.11 1.49
C ALA A 51 21.38 4.32 2.96
N ASN A 52 20.29 3.89 3.59
CA ASN A 52 20.12 3.99 5.02
C ASN A 52 19.50 2.74 5.58
N ILE A 53 19.82 2.45 6.83
CA ILE A 53 19.24 1.33 7.54
C ILE A 53 18.34 1.89 8.62
N TYR A 54 17.03 1.73 8.47
CA TYR A 54 16.13 2.44 9.32
C TYR A 54 14.86 1.65 9.67
N PRO A 55 14.35 1.88 10.88
CA PRO A 55 13.17 1.19 11.37
C PRO A 55 11.93 1.76 10.77
N PRO A 56 10.83 1.00 10.74
CA PRO A 56 10.70 -0.30 11.37
C PRO A 56 11.20 -1.46 10.56
N MSE A 57 11.44 -1.27 9.27
CA MSE A 57 11.85 -2.41 8.42
C MSE A 57 13.22 -2.98 8.77
O MSE A 57 13.37 -4.18 8.76
CB MSE A 57 11.76 -2.06 6.93
CG MSE A 57 12.16 -3.22 6.03
SE MSE A 57 10.99 -4.76 6.12
CE MSE A 57 9.58 -4.00 5.00
N SER A 58 14.19 -2.15 9.12
CA SER A 58 15.50 -2.69 9.50
C SER A 58 15.37 -3.72 10.59
N THR A 59 14.55 -3.44 11.59
CA THR A 59 14.40 -4.30 12.74
C THR A 59 13.75 -5.62 12.36
N GLN A 60 12.75 -5.53 11.50
CA GLN A 60 12.07 -6.74 11.02
C GLN A 60 13.04 -7.61 10.21
N LEU A 61 13.82 -6.97 9.35
CA LEU A 61 14.83 -7.69 8.56
C LEU A 61 15.87 -8.37 9.45
N GLU A 62 16.38 -7.64 10.43
CA GLU A 62 17.41 -8.19 11.33
C GLU A 62 16.88 -9.40 12.10
N GLN A 63 15.67 -9.30 12.61
CA GLN A 63 15.05 -10.39 13.38
CA GLN A 63 15.00 -10.37 13.36
C GLN A 63 14.81 -11.63 12.51
N ALA A 64 14.69 -11.42 11.19
CA ALA A 64 14.47 -12.51 10.26
C ALA A 64 15.77 -13.09 9.78
N GLY A 65 16.90 -12.51 10.20
CA GLY A 65 18.21 -12.97 9.83
C GLY A 65 18.66 -12.42 8.50
N VAL A 66 18.11 -11.29 8.06
CA VAL A 66 18.63 -10.64 6.89
C VAL A 66 19.79 -9.72 7.28
N THR A 67 20.84 -9.72 6.49
CA THR A 67 22.03 -8.85 6.65
CA THR A 67 21.93 -8.78 6.74
C THR A 67 21.90 -7.64 5.72
N ILE A 68 21.91 -6.44 6.26
CA ILE A 68 21.79 -5.20 5.49
C ILE A 68 23.09 -4.43 5.55
N GLU A 69 23.50 -3.93 4.39
CA GLU A 69 24.62 -3.05 4.29
C GLU A 69 24.27 -1.66 3.76
N GLU A 70 25.00 -0.68 4.25
CA GLU A 70 24.73 0.70 3.96
C GLU A 70 25.48 1.14 2.72
N GLY A 71 24.77 1.88 1.89
CA GLY A 71 25.28 2.35 0.64
C GLY A 71 24.94 1.39 -0.47
N TYR A 72 25.22 1.78 -1.69
CA TYR A 72 25.05 0.94 -2.88
C TYR A 72 26.43 0.67 -3.43
N LEU A 73 27.10 -0.34 -2.87
CA LEU A 73 28.53 -0.53 -3.10
C LEU A 73 28.77 -1.85 -3.80
N ILE A 74 29.74 -1.85 -4.68
CA ILE A 74 30.21 -3.07 -5.35
C ILE A 74 30.59 -4.18 -4.32
N ALA A 75 31.25 -3.83 -3.22
CA ALA A 75 31.66 -4.79 -2.23
C ALA A 75 30.46 -5.59 -1.72
N HIS A 76 29.26 -5.03 -1.77
CA HIS A 76 28.09 -5.78 -1.30
C HIS A 76 27.77 -6.96 -2.18
N LEU A 77 28.26 -6.99 -3.41
CA LEU A 77 27.99 -8.09 -4.32
C LEU A 77 29.23 -9.00 -4.40
N GLN A 78 30.10 -8.93 -3.39
CA GLN A 78 31.30 -9.79 -3.29
C GLN A 78 31.27 -10.47 -1.91
N PRO A 79 31.13 -11.80 -1.89
CA PRO A 79 31.03 -12.70 -3.01
C PRO A 79 29.73 -12.53 -3.77
N ALA A 80 29.74 -13.03 -5.00
CA ALA A 80 28.60 -12.99 -5.90
C ALA A 80 27.40 -13.74 -5.35
N PRO A 81 26.28 -13.05 -5.24
CA PRO A 81 25.05 -13.76 -4.90
C PRO A 81 24.54 -14.54 -6.09
N ASP A 82 23.56 -15.40 -5.85
CA ASP A 82 22.94 -16.17 -6.92
C ASP A 82 22.00 -15.34 -7.74
N LEU A 83 21.42 -14.32 -7.10
CA LEU A 83 20.47 -13.47 -7.79
C LEU A 83 20.43 -12.09 -7.16
N VAL A 84 20.34 -11.04 -7.98
CA VAL A 84 20.15 -9.69 -7.51
C VAL A 84 18.74 -9.26 -7.84
N VAL A 85 17.97 -8.84 -6.84
CA VAL A 85 16.60 -8.37 -7.01
C VAL A 85 16.70 -6.82 -6.95
N VAL A 86 16.33 -6.18 -8.03
CA VAL A 86 16.64 -4.76 -8.26
C VAL A 86 15.42 -3.88 -8.10
N GLY A 87 15.52 -2.96 -7.17
CA GLY A 87 14.47 -2.01 -6.89
C GLY A 87 14.36 -0.91 -7.98
N ASN A 88 13.27 -0.20 -7.92
CA ASN A 88 12.91 0.81 -8.94
C ASN A 88 13.87 1.99 -9.06
N ALA A 89 14.54 2.32 -7.98
CA ALA A 89 15.43 3.51 -7.94
C ALA A 89 16.75 3.27 -8.62
N MSE A 90 17.12 1.99 -8.78
CA MSE A 90 18.39 1.69 -9.41
C MSE A 90 18.38 2.10 -10.85
O MSE A 90 17.39 1.94 -11.57
CB MSE A 90 18.71 0.19 -9.26
CG MSE A 90 18.77 -0.29 -7.82
SE MSE A 90 20.22 0.50 -6.79
CE MSE A 90 19.37 2.04 -6.00
N LYS A 91 19.54 2.56 -11.32
CA LYS A 91 19.66 3.03 -12.69
C LYS A 91 21.09 2.81 -13.21
N ARG A 92 21.22 2.84 -14.51
CA ARG A 92 22.55 2.79 -15.06
C ARG A 92 23.37 4.00 -14.68
N GLY A 93 24.66 3.78 -14.68
CA GLY A 93 25.62 4.81 -14.25
C GLY A 93 26.01 4.65 -12.78
N MSE A 94 25.16 4.02 -11.99
CA MSE A 94 25.54 3.67 -10.61
C MSE A 94 26.62 2.57 -10.59
O MSE A 94 26.47 1.53 -11.20
CB MSE A 94 24.31 3.25 -9.80
CG MSE A 94 23.33 4.35 -9.63
SE MSE A 94 21.76 3.83 -8.60
CE MSE A 94 22.64 3.34 -6.96
N ASP A 95 27.64 2.76 -9.77
CA ASP A 95 28.72 1.77 -9.72
C ASP A 95 28.26 0.31 -9.57
N VAL A 96 27.37 0.06 -8.63
CA VAL A 96 26.95 -1.29 -8.32
C VAL A 96 26.22 -1.87 -9.49
N ILE A 97 25.43 -1.04 -10.20
CA ILE A 97 24.71 -1.55 -11.38
C ILE A 97 25.62 -1.86 -12.58
N GLU A 98 26.60 -1.00 -12.81
CA GLU A 98 27.54 -1.21 -13.90
C GLU A 98 28.38 -2.44 -13.63
N TYR A 99 28.74 -2.66 -12.35
CA TYR A 99 29.45 -3.84 -11.97
C TYR A 99 28.59 -5.10 -12.20
N MSE A 100 27.34 -5.05 -11.77
CA MSE A 100 26.42 -6.15 -11.97
C MSE A 100 26.36 -6.56 -13.44
O MSE A 100 26.44 -7.78 -13.78
CB MSE A 100 25.04 -5.77 -11.41
CG MSE A 100 23.95 -6.84 -11.55
SE MSE A 100 22.25 -6.09 -10.97
CE MSE A 100 21.76 -5.12 -12.58
N LEU A 101 26.14 -5.56 -14.30
CA LEU A 101 26.05 -5.85 -15.73
C LEU A 101 27.36 -6.34 -16.32
N ASP A 102 28.49 -5.73 -15.94
CA ASP A 102 29.77 -6.15 -16.51
C ASP A 102 30.09 -7.59 -16.14
N THR A 103 29.79 -7.96 -14.89
CA THR A 103 30.15 -9.30 -14.41
C THR A 103 29.13 -10.38 -14.73
N GLY A 104 27.99 -10.00 -15.31
CA GLY A 104 27.02 -10.99 -15.73
C GLY A 104 26.30 -11.70 -14.59
N LEU A 105 26.15 -11.03 -13.46
CA LEU A 105 25.29 -11.61 -12.40
C LEU A 105 23.85 -11.71 -12.89
N ARG A 106 23.13 -12.70 -12.35
CA ARG A 106 21.71 -12.84 -12.64
C ARG A 106 20.94 -11.79 -11.83
N TYR A 107 19.97 -11.15 -12.48
CA TYR A 107 19.18 -10.13 -11.83
C TYR A 107 17.73 -10.21 -12.31
N THR A 108 16.85 -9.69 -11.50
CA THR A 108 15.41 -9.69 -11.84
C THR A 108 14.72 -8.57 -11.07
N SER A 109 13.53 -8.23 -11.51
CA SER A 109 12.73 -7.20 -10.80
C SER A 109 12.04 -7.84 -9.60
N GLY A 110 11.63 -6.99 -8.68
CA GLY A 110 10.86 -7.42 -7.54
C GLY A 110 9.60 -8.17 -7.89
N PRO A 111 8.78 -7.59 -8.81
CA PRO A 111 7.55 -8.31 -9.14
C PRO A 111 7.79 -9.66 -9.82
N GLN A 112 8.84 -9.79 -10.65
CA GLN A 112 9.10 -11.07 -11.32
C GLN A 112 9.55 -12.11 -10.28
N PHE A 113 10.39 -11.69 -9.35
CA PHE A 113 10.83 -12.55 -8.26
C PHE A 113 9.64 -13.07 -7.43
N LEU A 114 8.75 -12.14 -7.09
CA LEU A 114 7.59 -12.50 -6.29
C LEU A 114 6.70 -13.44 -7.10
N SER A 115 6.52 -13.16 -8.38
CA SER A 115 5.70 -13.99 -9.26
CA SER A 115 5.67 -14.00 -9.24
C SER A 115 6.21 -15.41 -9.36
N GLU A 116 7.51 -15.54 -9.53
CA GLU A 116 8.10 -16.86 -9.70
C GLU A 116 8.27 -17.65 -8.41
N GLN A 117 8.67 -17.01 -7.35
CA GLN A 117 8.94 -17.65 -6.06
C GLN A 117 7.72 -17.86 -5.19
N VAL A 118 6.73 -16.97 -5.25
CA VAL A 118 5.59 -17.07 -4.33
C VAL A 118 4.27 -17.19 -5.07
N LEU A 119 4.00 -16.30 -6.02
CA LEU A 119 2.64 -16.27 -6.59
C LEU A 119 2.20 -17.44 -7.49
N GLN A 120 3.11 -17.96 -8.30
CA GLN A 120 2.81 -18.94 -9.33
C GLN A 120 1.98 -20.11 -8.82
N SER A 121 2.27 -20.54 -7.60
CA SER A 121 1.63 -21.69 -7.01
C SER A 121 0.36 -21.36 -6.21
N ARG A 122 0.03 -20.09 -6.09
CA ARG A 122 -1.12 -19.66 -5.27
C ARG A 122 -2.29 -19.20 -6.11
N HIS A 123 -3.47 -19.23 -5.50
CA HIS A 123 -4.62 -18.50 -6.02
C HIS A 123 -4.44 -17.05 -5.54
N VAL A 124 -4.06 -16.17 -6.46
CA VAL A 124 -3.81 -14.80 -6.09
C VAL A 124 -5.08 -13.94 -6.21
N ILE A 125 -5.31 -13.13 -5.17
CA ILE A 125 -6.37 -12.14 -5.18
C ILE A 125 -5.66 -10.77 -5.20
N ALA A 126 -5.83 -10.09 -6.33
CA ALA A 126 -5.19 -8.79 -6.56
C ALA A 126 -6.24 -7.72 -6.51
N VAL A 127 -5.87 -6.61 -5.87
CA VAL A 127 -6.74 -5.45 -5.73
C VAL A 127 -6.11 -4.27 -6.44
N ALA A 128 -6.84 -3.75 -7.44
CA ALA A 128 -6.46 -2.54 -8.18
C ALA A 128 -7.49 -1.46 -7.84
N GLY A 129 -7.19 -0.20 -8.16
CA GLY A 129 -8.11 0.88 -7.93
C GLY A 129 -7.40 2.19 -7.82
N THR A 130 -8.13 3.29 -8.02
CA THR A 130 -7.50 4.58 -7.82
C THR A 130 -7.49 5.02 -6.35
N HIS A 131 -8.41 4.47 -5.55
CA HIS A 131 -8.54 4.84 -4.16
C HIS A 131 -8.72 3.61 -3.27
N GLY A 132 -8.18 3.69 -2.07
CA GLY A 132 -8.42 2.70 -1.03
C GLY A 132 -7.96 1.28 -1.21
N LYS A 133 -6.95 1.03 -2.03
CA LYS A 133 -6.53 -0.32 -2.25
C LYS A 133 -6.09 -0.98 -0.96
N THR A 134 -5.37 -0.28 -0.11
CA THR A 134 -4.86 -0.92 1.13
C THR A 134 -5.97 -1.14 2.16
N THR A 135 -6.95 -0.25 2.16
CA THR A 135 -8.13 -0.44 3.00
C THR A 135 -8.75 -1.80 2.62
N THR A 136 -8.98 -2.05 1.33
CA THR A 136 -9.60 -3.26 0.88
C THR A 136 -8.74 -4.47 1.15
N THR A 137 -7.41 -4.41 0.88
CA THR A 137 -6.57 -5.57 1.13
C THR A 137 -6.43 -5.89 2.61
N THR A 138 -6.38 -4.89 3.51
CA THR A 138 -6.27 -5.18 4.93
C THR A 138 -7.57 -5.84 5.44
N MSE A 139 -8.68 -5.34 4.95
CA MSE A 139 -9.97 -5.90 5.27
C MSE A 139 -10.08 -7.32 4.77
O MSE A 139 -10.54 -8.18 5.49
CB MSE A 139 -11.11 -5.04 4.72
CG MSE A 139 -11.28 -3.70 5.47
SE MSE A 139 -12.75 -2.72 4.67
CE MSE A 139 -12.56 -1.12 5.74
N LEU A 140 -9.65 -7.58 3.54
CA LEU A 140 -9.73 -8.91 2.99
C LEU A 140 -8.83 -9.86 3.74
N ALA A 141 -7.57 -9.47 3.98
CA ALA A 141 -6.66 -10.38 4.68
C ALA A 141 -7.20 -10.69 6.07
N TRP A 142 -7.78 -9.67 6.74
CA TRP A 142 -8.42 -9.85 8.04
C TRP A 142 -9.55 -10.90 7.99
N ILE A 143 -10.43 -10.77 6.99
CA ILE A 143 -11.55 -11.68 6.82
C ILE A 143 -10.99 -13.08 6.65
N LEU A 144 -9.98 -13.25 5.79
CA LEU A 144 -9.51 -14.60 5.52
C LEU A 144 -8.96 -15.28 6.76
N HIS A 145 -8.12 -14.55 7.52
CA HIS A 145 -7.51 -15.13 8.71
C HIS A 145 -8.52 -15.33 9.83
N TYR A 146 -9.48 -14.41 9.96
CA TYR A 146 -10.57 -14.58 10.89
C TYR A 146 -11.34 -15.88 10.58
N ALA A 147 -11.46 -16.21 9.29
CA ALA A 147 -12.21 -17.36 8.82
C ALA A 147 -11.35 -18.62 8.83
N GLY A 148 -10.11 -18.53 9.34
CA GLY A 148 -9.20 -19.66 9.43
C GLY A 148 -8.47 -20.06 8.14
N ILE A 149 -8.51 -19.18 7.13
CA ILE A 149 -7.82 -19.42 5.84
C ILE A 149 -6.42 -18.80 5.96
N ASP A 150 -5.39 -19.64 5.83
CA ASP A 150 -4.00 -19.21 6.07
C ASP A 150 -3.39 -18.54 4.83
N ALA A 151 -4.03 -17.47 4.39
CA ALA A 151 -3.67 -16.78 3.20
C ALA A 151 -2.33 -16.04 3.37
N GLY A 152 -1.48 -16.11 2.36
CA GLY A 152 -0.30 -15.22 2.28
C GLY A 152 -0.79 -13.84 1.87
N PHE A 153 0.10 -12.85 2.08
CA PHE A 153 -0.15 -11.50 1.62
C PHE A 153 1.11 -10.66 1.55
N LEU A 154 1.04 -9.64 0.68
CA LEU A 154 2.04 -8.55 0.63
C LEU A 154 1.18 -7.36 0.30
N ILE A 155 0.88 -6.54 1.32
CA ILE A 155 -0.05 -5.45 1.22
C ILE A 155 0.55 -4.20 1.84
N GLY A 156 -0.20 -3.12 1.75
CA GLY A 156 0.29 -1.82 2.05
C GLY A 156 0.25 -1.40 3.51
N GLY A 157 -0.25 -2.28 4.34
CA GLY A 157 -0.37 -2.06 5.77
C GLY A 157 -0.99 -3.23 6.49
N VAL A 158 -1.27 -3.05 7.77
CA VAL A 158 -1.85 -4.13 8.55
C VAL A 158 -3.02 -3.67 9.40
N PRO A 159 -3.95 -4.58 9.67
CA PRO A 159 -5.01 -4.22 10.61
C PRO A 159 -4.48 -4.09 12.02
N LEU A 160 -5.13 -3.25 12.82
CA LEU A 160 -4.90 -3.25 14.27
C LEU A 160 -5.44 -4.56 14.79
N VAL A 161 -4.71 -5.23 15.67
CA VAL A 161 -5.20 -6.44 16.30
C VAL A 161 -5.34 -6.19 17.81
N ASN A 162 -6.60 -6.07 18.25
CA ASN A 162 -6.96 -5.72 19.64
C ASN A 162 -7.23 -6.92 20.50
N THR A 163 -7.41 -8.08 19.88
CA THR A 163 -7.74 -9.29 20.62
C THR A 163 -6.48 -9.86 21.22
N THR A 164 -6.68 -10.75 22.18
CA THR A 164 -5.62 -11.49 22.82
C THR A 164 -5.26 -12.73 21.96
N ASP A 165 -5.84 -12.83 20.75
CA ASP A 165 -5.52 -13.92 19.81
C ASP A 165 -4.10 -13.76 19.29
N THR A 166 -3.19 -14.56 19.84
CA THR A 166 -1.79 -14.45 19.51
C THR A 166 -1.48 -14.93 18.09
N ASN A 167 -2.35 -15.74 17.49
CA ASN A 167 -2.15 -16.14 16.10
C ASN A 167 -2.36 -14.92 15.19
N LEU A 168 -3.49 -14.24 15.38
CA LEU A 168 -3.77 -13.08 14.54
C LEU A 168 -2.71 -12.00 14.78
N GLN A 169 -2.27 -11.82 16.03
CA GLN A 169 -1.18 -10.90 16.37
C GLN A 169 0.08 -11.17 15.56
N GLN A 170 0.48 -12.44 15.49
CA GLN A 170 1.68 -12.82 14.76
C GLN A 170 1.50 -12.69 13.23
N VAL A 171 0.35 -13.13 12.75
CA VAL A 171 0.10 -13.04 11.30
C VAL A 171 0.22 -11.60 10.81
N PHE A 172 -0.30 -10.68 11.61
CA PHE A 172 -0.31 -9.25 11.24
C PHE A 172 0.82 -8.43 11.87
N ALA A 173 1.87 -9.12 12.27
CA ALA A 173 3.06 -8.44 12.78
C ALA A 173 3.78 -7.68 11.69
N HIS A 174 3.61 -8.11 10.44
CA HIS A 174 4.25 -7.50 9.26
C HIS A 174 3.20 -7.39 8.15
N SER A 175 3.47 -6.50 7.20
CA SER A 175 2.59 -6.31 6.05
C SER A 175 2.87 -7.34 4.92
N SER A 176 3.67 -8.35 5.25
CA SER A 176 3.92 -9.52 4.39
C SER A 176 3.83 -10.74 5.30
N TYR A 177 3.38 -11.83 4.70
CA TYR A 177 3.17 -13.12 5.35
C TYR A 177 3.13 -14.19 4.29
N LEU A 178 3.90 -15.24 4.46
CA LEU A 178 3.98 -16.23 3.36
C LEU A 178 2.71 -17.09 3.23
N GLY A 179 2.20 -17.55 4.35
CA GLY A 179 1.02 -18.41 4.33
C GLY A 179 1.45 -19.79 3.85
N THR A 180 0.48 -20.69 3.73
CA THR A 180 0.71 -22.06 3.29
C THR A 180 0.31 -22.35 1.87
N GLU A 181 0.97 -23.36 1.27
CA GLU A 181 0.59 -23.90 -0.02
C GLU A 181 -0.67 -24.76 0.02
N LYS A 182 -1.37 -24.85 -1.11
CA LYS A 182 -2.54 -25.72 -1.23
C LYS A 182 -2.13 -27.09 -0.68
N ASP A 183 -3.00 -27.68 0.12
CA ASP A 183 -2.66 -28.87 0.89
C ASP A 183 -2.85 -30.11 0.01
N ASP A 184 -1.73 -30.78 -0.28
CA ASP A 184 -1.69 -31.96 -1.18
C ASP A 184 -2.44 -33.20 -0.67
N SER A 185 -2.63 -33.32 0.64
CA SER A 185 -3.25 -34.53 1.26
C SER A 185 -4.59 -34.28 2.02
N ASP A 186 -4.65 -33.20 2.80
CA ASP A 186 -5.81 -32.93 3.65
C ASP A 186 -6.80 -31.97 2.95
N ASN A 187 -7.83 -32.58 2.37
CA ASN A 187 -8.82 -31.88 1.59
C ASN A 187 -9.72 -30.97 2.44
N SER A 188 -9.66 -31.10 3.78
CA SER A 188 -10.48 -30.29 4.64
C SER A 188 -9.86 -28.92 4.84
N VAL A 189 -8.59 -28.75 4.44
CA VAL A 189 -7.91 -27.46 4.58
C VAL A 189 -8.11 -26.59 3.33
N ASN A 190 -8.59 -25.37 3.52
CA ASN A 190 -8.78 -24.41 2.42
C ASN A 190 -7.69 -23.37 2.52
N THR A 191 -6.64 -23.60 1.74
CA THR A 191 -5.48 -22.70 1.76
C THR A 191 -4.85 -22.59 0.37
N GLY A 192 -3.77 -21.82 0.27
CA GLY A 192 -3.03 -21.62 -0.97
C GLY A 192 -3.45 -20.35 -1.69
N TYR A 193 -3.53 -19.26 -0.94
CA TYR A 193 -3.96 -17.95 -1.48
C TYR A 193 -2.91 -16.92 -1.24
N PHE A 194 -2.97 -15.81 -1.96
CA PHE A 194 -2.02 -14.74 -1.70
C PHE A 194 -2.73 -13.44 -2.09
N VAL A 195 -2.85 -12.50 -1.15
CA VAL A 195 -3.50 -11.20 -1.35
C VAL A 195 -2.47 -10.14 -1.67
N ILE A 196 -2.71 -9.38 -2.72
CA ILE A 196 -1.69 -8.42 -3.16
C ILE A 196 -2.35 -7.19 -3.81
N GLU A 197 -1.61 -6.09 -3.85
CA GLU A 197 -2.06 -4.84 -4.48
C GLU A 197 -1.45 -4.75 -5.87
N ALA A 198 -2.28 -4.45 -6.86
CA ALA A 198 -1.82 -4.15 -8.21
C ALA A 198 -1.73 -2.63 -8.31
N ASP A 199 -0.51 -2.14 -8.53
CA ASP A 199 -0.24 -0.74 -8.65
C ASP A 199 0.90 -0.52 -9.64
N GLU A 200 1.21 0.74 -9.83
CA GLU A 200 2.17 1.16 -10.83
C GLU A 200 3.66 1.18 -10.41
N TYR A 201 3.93 0.68 -9.22
CA TYR A 201 5.27 0.75 -8.63
C TYR A 201 6.10 -0.50 -8.86
N ASP A 202 7.39 -0.34 -8.58
CA ASP A 202 8.37 -1.43 -8.45
C ASP A 202 8.81 -2.14 -9.71
N SER A 203 8.61 -1.51 -10.86
CA SER A 203 9.27 -2.00 -12.10
C SER A 203 10.81 -1.74 -11.91
N ALA A 204 11.65 -2.22 -12.83
CA ALA A 204 13.05 -1.94 -12.78
C ALA A 204 13.55 -1.48 -14.13
N PHE A 205 14.77 -0.99 -14.17
CA PHE A 205 15.27 -0.32 -15.32
C PHE A 205 15.35 -1.19 -16.56
N PHE A 206 15.50 -2.50 -16.34
CA PHE A 206 15.65 -3.52 -17.39
C PHE A 206 14.34 -4.27 -17.65
N ASP A 207 13.30 -4.00 -16.86
CA ASP A 207 11.99 -4.70 -17.02
C ASP A 207 10.90 -3.75 -16.58
N LYS A 208 10.36 -3.04 -17.56
CA LYS A 208 9.37 -1.99 -17.31
C LYS A 208 7.95 -2.51 -17.20
N ARG A 209 7.76 -3.83 -17.16
CA ARG A 209 6.42 -4.37 -17.05
C ARG A 209 5.82 -3.97 -15.71
N SER A 210 4.55 -3.60 -15.74
CA SER A 210 3.87 -3.25 -14.51
C SER A 210 3.39 -4.52 -13.80
N LYS A 211 2.96 -4.36 -12.55
CA LYS A 211 2.36 -5.43 -11.79
C LYS A 211 1.06 -5.91 -12.46
N PHE A 212 0.40 -5.04 -13.20
CA PHE A 212 -0.84 -5.43 -13.90
C PHE A 212 -0.53 -6.54 -14.93
N VAL A 213 0.70 -6.52 -15.46
CA VAL A 213 1.17 -7.54 -16.39
C VAL A 213 1.77 -8.76 -15.69
N HIS A 214 2.61 -8.51 -14.68
CA HIS A 214 3.26 -9.58 -13.92
C HIS A 214 2.29 -10.53 -13.16
N TYR A 215 1.40 -9.95 -12.38
CA TYR A 215 0.49 -10.70 -11.52
C TYR A 215 -0.62 -11.36 -12.33
N ARG A 216 -0.96 -12.57 -11.91
CA ARG A 216 -2.00 -13.36 -12.61
C ARG A 216 -3.08 -13.80 -11.60
N PRO A 217 -3.86 -12.83 -11.08
CA PRO A 217 -4.84 -13.21 -10.11
C PRO A 217 -5.92 -14.11 -10.71
N ARG A 218 -6.43 -15.01 -9.89
CA ARG A 218 -7.69 -15.72 -10.22
C ARG A 218 -8.92 -14.97 -9.68
N THR A 219 -8.76 -14.13 -8.67
CA THR A 219 -9.83 -13.24 -8.22
C THR A 219 -9.25 -11.84 -8.26
N ALA A 220 -9.88 -10.91 -8.98
CA ALA A 220 -9.41 -9.54 -9.03
C ALA A 220 -10.51 -8.58 -8.60
N ILE A 221 -10.15 -7.63 -7.73
CA ILE A 221 -11.00 -6.53 -7.37
C ILE A 221 -10.56 -5.29 -8.09
N LEU A 222 -11.46 -4.63 -8.81
CA LEU A 222 -11.26 -3.25 -9.32
C LEU A 222 -12.02 -2.38 -8.31
N ASN A 223 -11.32 -1.70 -7.42
CA ASN A 223 -11.98 -1.06 -6.25
C ASN A 223 -12.84 0.11 -6.69
N ASN A 224 -12.37 0.81 -7.72
CA ASN A 224 -12.95 2.05 -8.20
C ASN A 224 -12.03 2.59 -9.29
N LEU A 225 -12.47 3.59 -10.00
CA LEU A 225 -11.65 4.25 -11.00
C LEU A 225 -12.16 5.67 -11.14
N GLU A 226 -11.55 6.58 -10.39
CA GLU A 226 -11.95 8.01 -10.45
C GLU A 226 -10.79 8.96 -10.19
N PHE A 227 -11.03 10.23 -10.46
CA PHE A 227 -10.02 11.28 -10.33
C PHE A 227 -10.51 12.33 -9.33
N ASP A 228 -9.62 12.83 -8.50
CA ASP A 228 -9.98 13.90 -7.58
C ASP A 228 -10.09 15.20 -8.41
N ASP A 235 -5.48 11.38 -17.01
CA ASP A 235 -5.50 10.47 -18.15
C ASP A 235 -6.25 9.16 -17.77
N LEU A 236 -7.55 9.21 -18.00
CA LEU A 236 -8.45 8.08 -17.79
C LEU A 236 -7.99 6.87 -18.58
N ASP A 237 -7.63 7.09 -19.86
CA ASP A 237 -7.26 5.98 -20.69
C ASP A 237 -6.01 5.24 -20.21
N ALA A 238 -5.06 5.98 -19.66
CA ALA A 238 -3.87 5.31 -19.16
C ALA A 238 -4.21 4.37 -18.02
N ILE A 239 -5.11 4.78 -17.14
CA ILE A 239 -5.52 3.95 -15.98
C ILE A 239 -6.35 2.74 -16.45
N GLN A 240 -7.29 2.99 -17.33
CA GLN A 240 -8.10 1.92 -17.92
C GLN A 240 -7.23 0.90 -18.64
N THR A 241 -6.21 1.35 -19.37
CA THR A 241 -5.30 0.44 -20.06
C THR A 241 -4.56 -0.42 -19.10
N GLN A 242 -4.09 0.15 -17.99
CA GLN A 242 -3.35 -0.64 -17.05
C GLN A 242 -4.27 -1.68 -16.39
N PHE A 243 -5.45 -1.25 -15.97
CA PHE A 243 -6.39 -2.21 -15.37
C PHE A 243 -6.71 -3.36 -16.35
N HIS A 244 -6.94 -2.98 -17.62
CA HIS A 244 -7.18 -3.93 -18.74
C HIS A 244 -6.05 -4.97 -18.86
N HIS A 245 -4.79 -4.57 -18.66
CA HIS A 245 -3.71 -5.51 -18.77
C HIS A 245 -3.83 -6.65 -17.76
N MSE A 246 -4.46 -6.38 -16.62
CA MSE A 246 -4.66 -7.39 -15.61
C MSE A 246 -5.97 -8.16 -15.96
O MSE A 246 -5.97 -9.39 -16.01
CB MSE A 246 -4.76 -6.78 -14.21
CG MSE A 246 -4.99 -7.82 -13.17
SE MSE A 246 -5.00 -6.99 -11.37
CE MSE A 246 -6.61 -6.10 -11.51
N VAL A 247 -7.06 -7.44 -16.23
CA VAL A 247 -8.36 -8.07 -16.52
C VAL A 247 -8.32 -9.08 -17.69
N ARG A 248 -7.62 -8.67 -18.74
CA ARG A 248 -7.55 -9.43 -19.99
CA ARG A 248 -7.51 -9.42 -20.00
C ARG A 248 -6.85 -10.78 -19.85
N MSE A 249 -6.17 -11.02 -18.73
CA MSE A 249 -5.46 -12.29 -18.51
C MSE A 249 -6.12 -13.27 -17.54
O MSE A 249 -5.65 -14.42 -17.38
CB MSE A 249 -4.02 -12.00 -17.99
CG MSE A 249 -3.10 -11.50 -19.06
SE MSE A 249 -2.85 -12.70 -20.52
CE MSE A 249 -2.32 -14.30 -19.44
N ILE A 250 -7.17 -12.84 -16.84
CA ILE A 250 -7.75 -13.66 -15.79
C ILE A 250 -8.41 -14.90 -16.45
N PRO A 251 -8.18 -16.11 -15.90
CA PRO A 251 -8.83 -17.24 -16.51
C PRO A 251 -10.33 -17.13 -16.58
N SER A 252 -10.89 -18.00 -17.42
CA SER A 252 -12.34 -17.99 -17.66
C SER A 252 -13.13 -18.43 -16.42
N THR A 253 -12.47 -19.17 -15.53
CA THR A 253 -13.05 -19.67 -14.31
C THR A 253 -12.76 -18.78 -13.09
N GLY A 254 -12.07 -17.64 -13.32
CA GLY A 254 -11.83 -16.69 -12.24
C GLY A 254 -13.01 -15.77 -11.97
N LYS A 255 -12.73 -14.64 -11.30
CA LYS A 255 -13.76 -13.67 -10.94
C LYS A 255 -13.18 -12.27 -10.88
N ILE A 256 -13.91 -11.35 -11.47
CA ILE A 256 -13.65 -9.89 -11.38
C ILE A 256 -14.80 -9.32 -10.53
N ILE A 257 -14.41 -8.53 -9.54
CA ILE A 257 -15.34 -7.94 -8.56
C ILE A 257 -15.11 -6.46 -8.57
N MSE A 258 -16.17 -5.71 -8.78
CA MSE A 258 -16.09 -4.25 -8.91
C MSE A 258 -17.44 -3.57 -8.63
O MSE A 258 -18.51 -4.17 -8.80
CB MSE A 258 -15.60 -3.88 -10.31
CG MSE A 258 -16.62 -4.10 -11.39
SE MSE A 258 -15.85 -3.95 -13.15
CE MSE A 258 -17.30 -3.10 -14.14
N PRO A 259 -17.41 -2.30 -8.33
CA PRO A 259 -18.70 -1.60 -8.20
C PRO A 259 -19.49 -1.49 -9.51
N ALA A 260 -20.81 -1.59 -9.34
CA ALA A 260 -21.77 -1.33 -10.41
C ALA A 260 -21.83 0.15 -10.78
N ALA A 261 -22.52 0.43 -11.89
CA ALA A 261 -22.85 1.79 -12.33
C ALA A 261 -21.64 2.71 -12.44
N THR A 262 -20.48 2.15 -12.81
CA THR A 262 -19.26 2.95 -12.87
C THR A 262 -18.77 2.86 -14.30
N ILE A 263 -19.11 3.86 -15.08
CA ILE A 263 -18.79 3.77 -16.51
C ILE A 263 -17.30 3.61 -16.81
N SER A 264 -16.45 4.22 -15.99
CA SER A 264 -15.02 4.11 -16.22
C SER A 264 -14.57 2.65 -16.09
N LEU A 265 -15.23 1.88 -15.22
CA LEU A 265 -14.90 0.46 -15.07
C LEU A 265 -15.60 -0.38 -16.16
N GLU A 266 -16.85 -0.08 -16.50
CA GLU A 266 -17.49 -0.83 -17.59
C GLU A 266 -16.70 -0.70 -18.89
N ASP A 267 -16.21 0.52 -19.16
CA ASP A 267 -15.38 0.76 -20.33
C ASP A 267 -14.02 0.04 -20.29
N THR A 268 -13.50 -0.22 -19.08
CA THR A 268 -12.29 -1.01 -18.90
C THR A 268 -12.53 -2.45 -19.34
N LEU A 269 -13.63 -3.03 -18.88
CA LEU A 269 -14.03 -4.40 -19.27
C LEU A 269 -14.25 -4.53 -20.76
N ALA A 270 -14.81 -3.50 -21.37
CA ALA A 270 -15.14 -3.51 -22.79
C ALA A 270 -13.92 -3.63 -23.69
N LYS A 271 -12.75 -3.32 -23.17
CA LYS A 271 -11.52 -3.51 -23.92
C LYS A 271 -11.20 -4.96 -24.13
N GLY A 272 -11.75 -5.84 -23.31
CA GLY A 272 -11.50 -7.29 -23.49
C GLY A 272 -11.54 -8.02 -22.16
N VAL A 273 -12.54 -8.90 -22.03
CA VAL A 273 -12.74 -9.66 -20.83
C VAL A 273 -13.29 -11.06 -21.17
N TRP A 274 -12.83 -12.05 -20.42
CA TRP A 274 -13.13 -13.45 -20.60
CA TRP A 274 -13.19 -13.45 -20.61
C TRP A 274 -13.64 -14.11 -19.30
N THR A 275 -13.91 -13.30 -18.28
CA THR A 275 -14.14 -13.80 -16.93
C THR A 275 -15.43 -13.23 -16.36
N PRO A 276 -16.19 -14.05 -15.62
CA PRO A 276 -17.43 -13.55 -15.02
C PRO A 276 -17.18 -12.41 -14.01
N ILE A 277 -18.13 -11.48 -13.97
CA ILE A 277 -18.09 -10.29 -13.13
C ILE A 277 -19.14 -10.36 -12.01
N TRP A 278 -18.73 -9.99 -10.81
CA TRP A 278 -19.67 -9.69 -9.71
C TRP A 278 -19.62 -8.21 -9.48
N ARG A 279 -20.75 -7.57 -9.60
CA ARG A 279 -20.85 -6.13 -9.38
C ARG A 279 -21.44 -5.79 -8.04
N THR A 280 -20.93 -4.72 -7.41
CA THR A 280 -21.29 -4.40 -6.04
C THR A 280 -22.01 -3.04 -6.00
N SER A 281 -22.98 -2.87 -5.08
CA SER A 281 -23.69 -1.61 -4.95
CA SER A 281 -23.66 -1.59 -4.94
CA SER A 281 -23.70 -1.59 -4.95
C SER A 281 -23.97 -1.33 -3.47
N VAL A 282 -23.80 -0.08 -3.08
CA VAL A 282 -24.13 0.38 -1.72
C VAL A 282 -25.40 1.16 -1.89
N ILE A 283 -26.44 0.75 -1.16
CA ILE A 283 -27.73 1.40 -1.31
C ILE A 283 -28.21 1.99 0.03
N ASP A 284 -28.83 3.16 -0.10
CA ASP A 284 -29.29 3.98 1.04
C ASP A 284 -30.78 4.17 0.93
N ASN A 304 -25.93 -5.53 -16.32
CA ASN A 304 -24.89 -4.92 -15.50
C ASN A 304 -25.43 -4.36 -14.16
N SER A 305 -26.49 -4.96 -13.61
CA SER A 305 -27.02 -4.54 -12.28
C SER A 305 -26.18 -5.26 -11.22
N SER A 306 -26.36 -4.91 -9.95
CA SER A 306 -25.50 -5.49 -8.94
C SER A 306 -25.86 -6.92 -8.56
N ASP A 307 -24.83 -7.66 -8.23
CA ASP A 307 -24.93 -8.98 -7.66
C ASP A 307 -24.82 -8.97 -6.14
N TRP A 308 -24.12 -7.97 -5.61
CA TRP A 308 -23.88 -7.83 -4.18
C TRP A 308 -24.36 -6.44 -3.77
N GLN A 309 -25.10 -6.33 -2.65
CA GLN A 309 -25.56 -5.04 -2.15
C GLN A 309 -25.26 -4.88 -0.67
N ALA A 310 -24.91 -3.67 -0.29
CA ALA A 310 -24.75 -3.30 1.14
C ALA A 310 -25.88 -2.31 1.33
N GLU A 311 -26.80 -2.57 2.24
CA GLU A 311 -27.88 -1.62 2.48
C GLU A 311 -27.58 -0.91 3.80
N LEU A 312 -27.47 0.41 3.76
CA LEU A 312 -27.12 1.14 4.97
C LEU A 312 -28.23 1.08 6.00
N ILE A 313 -27.84 0.78 7.23
CA ILE A 313 -28.69 0.89 8.42
C ILE A 313 -28.39 2.21 9.11
N SER A 314 -27.10 2.52 9.31
CA SER A 314 -26.69 3.84 9.80
CA SER A 314 -26.67 3.82 9.82
C SER A 314 -26.14 4.62 8.61
N ALA A 315 -26.64 5.84 8.44
CA ALA A 315 -26.29 6.70 7.30
C ALA A 315 -24.79 6.92 7.17
N ASP A 316 -24.09 6.93 8.31
CA ASP A 316 -22.65 7.11 8.30
C ASP A 316 -21.84 5.89 7.88
N GLY A 317 -22.51 4.83 7.46
CA GLY A 317 -21.81 3.61 7.01
C GLY A 317 -21.24 2.76 8.15
N SER A 318 -21.63 3.04 9.39
CA SER A 318 -21.13 2.21 10.52
C SER A 318 -21.90 0.91 10.73
N GLN A 319 -23.05 0.80 10.06
CA GLN A 319 -23.92 -0.38 10.15
CA GLN A 319 -23.90 -0.37 10.17
C GLN A 319 -24.59 -0.59 8.83
N PHE A 320 -24.51 -1.80 8.30
CA PHE A 320 -25.13 -2.09 7.03
C PHE A 320 -25.33 -3.59 6.87
N THR A 321 -26.30 -3.96 6.03
CA THR A 321 -26.56 -5.37 5.74
C THR A 321 -25.96 -5.69 4.37
N VAL A 322 -25.39 -6.88 4.26
CA VAL A 322 -24.79 -7.33 3.02
C VAL A 322 -25.57 -8.51 2.50
N SER A 323 -25.86 -8.49 1.21
CA SER A 323 -26.55 -9.60 0.55
CA SER A 323 -26.61 -9.55 0.54
C SER A 323 -25.98 -9.91 -0.82
N PHE A 324 -26.01 -11.21 -1.16
CA PHE A 324 -25.59 -11.71 -2.47
C PHE A 324 -26.87 -12.26 -3.13
N ASN A 325 -27.16 -11.86 -4.37
CA ASN A 325 -28.39 -12.21 -5.07
C ASN A 325 -28.62 -13.69 -5.31
N ASP A 326 -27.58 -14.47 -5.45
CA ASP A 326 -27.69 -15.86 -5.86
C ASP A 326 -27.63 -16.85 -4.71
N ASN A 327 -27.82 -16.37 -3.49
CA ASN A 327 -27.79 -17.25 -2.34
C ASN A 327 -28.52 -16.55 -1.21
N LYS A 328 -29.70 -17.09 -0.84
CA LYS A 328 -30.58 -16.47 0.15
C LYS A 328 -29.95 -16.43 1.54
N GLU A 329 -29.08 -17.40 1.83
CA GLU A 329 -28.38 -17.43 3.12
C GLU A 329 -27.18 -16.53 3.15
N ALA A 330 -26.77 -16.01 2.00
CA ALA A 330 -25.55 -15.22 1.90
C ALA A 330 -25.93 -13.77 2.23
N THR A 331 -26.30 -13.56 3.50
CA THR A 331 -26.73 -12.24 4.00
C THR A 331 -26.42 -12.08 5.50
N ALA A 332 -25.91 -10.93 5.90
CA ALA A 332 -25.53 -10.72 7.29
C ALA A 332 -25.34 -9.24 7.57
N LEU A 333 -25.03 -8.93 8.82
CA LEU A 333 -24.89 -7.56 9.25
C LEU A 333 -23.43 -7.22 9.55
N VAL A 334 -23.00 -6.05 9.10
CA VAL A 334 -21.76 -5.44 9.59
C VAL A 334 -22.11 -4.31 10.52
N ASN A 335 -21.59 -4.41 11.74
CA ASN A 335 -21.74 -3.42 12.75
C ASN A 335 -20.34 -3.19 13.29
N TRP A 336 -19.70 -2.10 12.82
CA TRP A 336 -18.28 -1.84 13.08
C TRP A 336 -17.96 -0.41 13.49
N SER A 337 -16.69 -0.16 13.79
CA SER A 337 -16.27 1.16 14.23
CA SER A 337 -16.23 1.15 14.24
C SER A 337 -15.69 2.00 13.10
N MSE A 338 -15.82 1.52 11.87
CA MSE A 338 -15.48 2.34 10.71
C MSE A 338 -16.68 3.18 10.26
O MSE A 338 -17.83 2.96 10.69
CB MSE A 338 -14.97 1.45 9.54
CG MSE A 338 -13.92 0.41 9.91
SE MSE A 338 -12.21 1.22 10.29
CE MSE A 338 -11.68 1.74 8.49
N SER A 339 -16.41 4.19 9.43
CA SER A 339 -17.47 4.99 8.84
C SER A 339 -17.08 5.49 7.45
N GLY A 340 -18.06 6.04 6.75
CA GLY A 340 -17.88 6.57 5.41
C GLY A 340 -18.27 5.61 4.29
N LEU A 341 -18.86 6.18 3.23
CA LEU A 341 -19.33 5.37 2.09
C LEU A 341 -18.20 4.57 1.39
N HIS A 342 -17.01 5.16 1.33
CA HIS A 342 -15.84 4.50 0.76
CA HIS A 342 -15.84 4.50 0.72
C HIS A 342 -15.55 3.21 1.48
N ASN A 343 -15.57 3.27 2.81
CA ASN A 343 -15.32 2.05 3.60
C ASN A 343 -16.38 0.95 3.42
N VAL A 344 -17.64 1.35 3.22
CA VAL A 344 -18.69 0.37 2.94
C VAL A 344 -18.39 -0.30 1.60
N ASN A 345 -18.05 0.50 0.62
CA ASN A 345 -17.66 -0.05 -0.71
C ASN A 345 -16.49 -1.00 -0.64
N ASN A 346 -15.45 -0.62 0.13
CA ASN A 346 -14.30 -1.48 0.33
C ASN A 346 -14.67 -2.78 1.02
N ALA A 347 -15.52 -2.72 2.01
CA ALA A 347 -15.99 -3.91 2.71
C ALA A 347 -16.73 -4.84 1.75
N LEU A 348 -17.57 -4.25 0.91
CA LEU A 348 -18.43 -5.09 0.03
C LEU A 348 -17.58 -5.90 -0.98
N VAL A 349 -16.58 -5.26 -1.60
CA VAL A 349 -15.69 -5.98 -2.55
C VAL A 349 -14.83 -7.01 -1.80
N ALA A 350 -14.41 -6.70 -0.56
CA ALA A 350 -13.62 -7.68 0.23
C ALA A 350 -14.48 -8.91 0.56
N ILE A 351 -15.71 -8.68 1.01
CA ILE A 351 -16.61 -9.74 1.37
C ILE A 351 -16.89 -10.65 0.16
N ALA A 352 -17.18 -10.03 -0.98
CA ALA A 352 -17.43 -10.78 -2.22
C ALA A 352 -16.20 -11.63 -2.62
N ALA A 353 -14.99 -11.08 -2.49
CA ALA A 353 -13.79 -11.79 -2.86
C ALA A 353 -13.61 -12.97 -1.90
N ALA A 354 -13.89 -12.75 -0.64
CA ALA A 354 -13.73 -13.83 0.33
C ALA A 354 -14.77 -14.92 0.08
N TYR A 355 -15.97 -14.53 -0.31
CA TYR A 355 -17.02 -15.50 -0.64
C TYR A 355 -16.60 -16.36 -1.83
N ASN A 356 -15.92 -15.75 -2.80
CA ASN A 356 -15.43 -16.47 -3.96
C ASN A 356 -14.48 -17.62 -3.59
N ILE A 357 -13.82 -17.51 -2.45
CA ILE A 357 -12.90 -18.55 -1.97
C ILE A 357 -13.36 -19.26 -0.71
N GLY A 358 -14.66 -19.20 -0.45
CA GLY A 358 -15.27 -20.07 0.54
C GLY A 358 -15.75 -19.47 1.83
N VAL A 359 -15.53 -18.19 2.05
CA VAL A 359 -15.93 -17.59 3.31
C VAL A 359 -17.40 -17.22 3.26
N SER A 360 -18.20 -17.75 4.18
CA SER A 360 -19.62 -17.38 4.25
C SER A 360 -19.81 -15.87 4.51
N VAL A 361 -20.87 -15.33 3.96
CA VAL A 361 -21.22 -13.91 4.23
C VAL A 361 -21.32 -13.68 5.74
N LYS A 362 -21.97 -14.62 6.45
CA LYS A 362 -22.04 -14.52 7.92
C LYS A 362 -20.65 -14.35 8.57
N THR A 363 -19.69 -15.23 8.21
CA THR A 363 -18.34 -15.15 8.78
C THR A 363 -17.62 -13.87 8.40
N ALA A 364 -17.69 -13.49 7.13
CA ALA A 364 -17.06 -12.28 6.64
C ALA A 364 -17.58 -11.03 7.35
N CYS A 365 -18.89 -10.99 7.55
CA CYS A 365 -19.50 -9.88 8.24
C CYS A 365 -19.16 -9.91 9.73
N ALA A 366 -19.04 -11.09 10.35
CA ALA A 366 -18.55 -11.16 11.71
C ALA A 366 -17.11 -10.61 11.80
N ALA A 367 -16.29 -11.00 10.85
CA ALA A 367 -14.90 -10.56 10.79
C ALA A 367 -14.83 -9.04 10.72
N LEU A 368 -15.59 -8.45 9.82
CA LEU A 368 -15.55 -6.98 9.68
C LEU A 368 -16.20 -6.26 10.86
N SER A 369 -17.23 -6.85 11.46
CA SER A 369 -17.73 -6.25 12.69
C SER A 369 -16.65 -6.15 13.77
N ALA A 370 -15.74 -7.14 13.81
CA ALA A 370 -14.59 -7.14 14.74
C ALA A 370 -13.35 -6.36 14.25
N PHE A 371 -13.40 -5.75 13.07
CA PHE A 371 -12.23 -5.08 12.48
C PHE A 371 -11.92 -3.80 13.25
N ALA A 372 -10.74 -3.77 13.83
CA ALA A 372 -10.37 -2.71 14.77
C ALA A 372 -9.83 -1.47 14.09
N GLY A 373 -9.68 -1.49 12.78
CA GLY A 373 -9.06 -0.39 12.01
C GLY A 373 -7.69 -0.77 11.46
N ILE A 374 -6.96 0.20 10.90
CA ILE A 374 -5.70 -0.04 10.24
C ILE A 374 -4.59 0.75 10.89
N LYS A 375 -3.44 0.10 11.11
CA LYS A 375 -2.26 0.81 11.65
C LYS A 375 -1.80 1.86 10.63
N ARG A 376 -1.18 2.91 11.12
CA ARG A 376 -0.67 3.99 10.30
C ARG A 376 -1.77 4.66 9.46
N ARG A 377 -2.96 4.75 10.03
CA ARG A 377 -4.02 5.58 9.46
C ARG A 377 -4.28 6.73 10.43
N MSE A 378 -3.66 7.87 10.16
CA MSE A 378 -3.66 9.00 11.09
C MSE A 378 -3.43 8.52 12.51
O MSE A 378 -4.18 8.84 13.46
CB MSE A 378 -4.96 9.83 11.06
CG MSE A 378 -5.08 10.76 9.92
SE MSE A 378 -3.76 12.13 9.99
CE MSE A 378 -4.37 13.18 11.38
N GLU A 379 -2.35 7.80 12.69
CA GLU A 379 -2.04 7.21 13.99
C GLU A 379 -1.23 8.18 14.80
N LEU A 380 -1.74 8.55 15.99
CA LEU A 380 -1.04 9.45 16.86
C LEU A 380 0.13 8.70 17.45
N ILE A 381 1.33 9.22 17.23
CA ILE A 381 2.58 8.63 17.74
C ILE A 381 3.30 9.52 18.74
N GLY A 382 2.86 10.76 18.88
CA GLY A 382 3.45 11.65 19.87
C GLY A 382 2.67 12.90 20.16
N ASP A 383 2.92 13.47 21.35
CA ASP A 383 2.35 14.72 21.78
C ASP A 383 3.45 15.32 22.62
N VAL A 384 4.30 16.11 21.98
CA VAL A 384 5.53 16.64 22.58
C VAL A 384 5.49 18.17 22.63
N ASN A 385 5.57 18.73 23.84
CA ASN A 385 5.49 20.21 23.98
C ASN A 385 4.21 20.72 23.28
N ASP A 386 3.12 19.95 23.39
CA ASP A 386 1.84 20.30 22.79
C ASP A 386 1.84 20.32 21.25
N ILE A 387 2.79 19.62 20.65
CA ILE A 387 2.79 19.41 19.22
C ILE A 387 2.39 17.98 18.95
N LEU A 388 1.32 17.81 18.21
CA LEU A 388 0.80 16.46 17.89
C LEU A 388 1.56 15.90 16.71
N VAL A 389 1.90 14.62 16.76
CA VAL A 389 2.61 13.99 15.62
C VAL A 389 1.85 12.73 15.22
N PHE A 390 1.45 12.66 13.94
CA PHE A 390 0.69 11.53 13.44
C PHE A 390 1.51 10.83 12.35
N ASP A 391 1.23 9.54 12.18
CA ASP A 391 1.90 8.70 11.18
C ASP A 391 0.84 8.08 10.26
N ASP A 392 1.06 8.19 8.96
CA ASP A 392 0.08 7.75 7.98
C ASP A 392 0.79 7.18 6.74
N PHE A 393 0.25 6.10 6.18
CA PHE A 393 0.92 5.45 5.09
C PHE A 393 0.66 6.05 3.72
N ALA A 394 -0.12 7.14 3.65
CA ALA A 394 -0.38 7.77 2.33
C ALA A 394 0.91 8.09 1.59
N HIS A 395 0.98 7.81 0.29
CA HIS A 395 2.22 8.03 -0.46
C HIS A 395 2.04 8.36 -1.91
N HIS A 396 0.80 8.65 -2.29
CA HIS A 396 0.43 9.02 -3.62
C HIS A 396 -0.76 9.94 -3.59
N PRO A 397 -0.99 10.65 -4.70
CA PRO A 397 -1.95 11.77 -4.63
C PRO A 397 -3.33 11.44 -4.06
N THR A 398 -4.01 10.39 -4.49
CA THR A 398 -5.34 10.22 -3.94
C THR A 398 -5.31 9.90 -2.46
N ALA A 399 -4.30 9.15 -2.01
CA ALA A 399 -4.15 8.83 -0.58
C ALA A 399 -3.79 10.05 0.28
N ILE A 400 -2.91 10.88 -0.24
CA ILE A 400 -2.54 12.11 0.47
C ILE A 400 -3.78 13.04 0.61
N THR A 401 -4.52 13.19 -0.47
CA THR A 401 -5.76 13.95 -0.45
C THR A 401 -6.71 13.45 0.63
N THR A 402 -6.97 12.15 0.64
CA THR A 402 -7.87 11.54 1.60
C THR A 402 -7.38 11.73 3.02
N THR A 403 -6.09 11.53 3.23
CA THR A 403 -5.53 11.64 4.58
C THR A 403 -5.68 13.09 5.05
N LEU A 404 -5.38 14.05 4.19
CA LEU A 404 -5.46 15.46 4.62
C LEU A 404 -6.88 15.91 4.80
N ASP A 405 -7.83 15.39 4.01
CA ASP A 405 -9.25 15.68 4.23
CA ASP A 405 -9.22 15.71 4.25
C ASP A 405 -9.65 15.26 5.66
N GLY A 406 -9.29 14.04 6.00
CA GLY A 406 -9.52 13.45 7.31
C GLY A 406 -8.84 14.26 8.39
N ALA A 407 -7.59 14.65 8.13
CA ALA A 407 -6.85 15.43 9.13
C ALA A 407 -7.54 16.76 9.40
N LYS A 408 -8.04 17.42 8.38
CA LYS A 408 -8.70 18.70 8.62
C LYS A 408 -9.99 18.54 9.39
N LYS A 409 -10.72 17.47 9.12
CA LYS A 409 -11.96 17.22 9.83
C LYS A 409 -11.67 16.98 11.31
N LYS A 410 -10.57 16.28 11.58
CA LYS A 410 -10.16 15.90 12.92
C LYS A 410 -9.59 17.09 13.72
N LEU A 411 -8.71 17.88 13.10
CA LEU A 411 -7.84 18.83 13.80
C LEU A 411 -8.34 20.29 13.81
N ALA A 412 -9.46 20.54 13.16
CA ALA A 412 -10.14 21.83 13.25
C ALA A 412 -9.20 22.95 12.80
N ASP A 413 -8.93 23.90 13.68
CA ASP A 413 -8.12 25.07 13.32
C ASP A 413 -6.64 24.97 13.60
N ARG A 414 -6.16 23.79 14.03
CA ARG A 414 -4.75 23.64 14.29
C ARG A 414 -3.94 23.83 13.03
N ARG A 415 -2.78 24.48 13.17
CA ARG A 415 -1.87 24.59 12.03
C ARG A 415 -1.32 23.20 11.73
N LEU A 416 -1.38 22.83 10.46
CA LEU A 416 -1.11 21.49 9.98
C LEU A 416 0.10 21.44 9.06
N TRP A 417 1.09 20.67 9.48
CA TRP A 417 2.30 20.43 8.74
C TRP A 417 2.19 19.06 8.14
N ALA A 418 2.31 18.97 6.82
CA ALA A 418 2.40 17.69 6.12
C ALA A 418 3.87 17.44 5.82
N ILE A 419 4.40 16.29 6.21
CA ILE A 419 5.78 15.91 5.98
CA ILE A 419 5.79 15.91 5.94
C ILE A 419 5.67 14.64 5.15
N ILE A 420 6.02 14.72 3.86
CA ILE A 420 5.70 13.62 2.96
C ILE A 420 6.87 13.07 2.18
N GLU A 421 7.06 11.74 2.27
CA GLU A 421 7.96 11.04 1.37
C GLU A 421 7.04 10.30 0.37
N PRO A 422 6.76 10.90 -0.80
CA PRO A 422 5.92 10.18 -1.77
C PRO A 422 6.72 9.01 -2.33
N ARG A 423 6.03 7.96 -2.71
CA ARG A 423 6.68 6.75 -3.22
C ARG A 423 7.26 7.01 -4.62
N SER A 424 8.58 6.92 -4.73
CA SER A 424 9.25 7.25 -5.99
CA SER A 424 9.31 7.22 -5.97
C SER A 424 8.93 6.27 -7.09
N ASN A 425 8.92 6.75 -8.32
CA ASN A 425 8.61 5.90 -9.43
C ASN A 425 9.16 6.53 -10.72
N THR A 426 9.76 5.70 -11.54
CA THR A 426 10.28 6.10 -12.86
C THR A 426 9.22 6.30 -13.94
N MSE A 427 8.03 5.84 -13.74
CA MSE A 427 6.91 5.86 -14.68
CA MSE A 427 6.99 5.87 -14.72
C MSE A 427 5.84 6.72 -14.15
O MSE A 427 5.80 6.91 -12.97
CB MSE A 427 6.28 4.46 -14.93
CB MSE A 427 6.53 4.42 -14.93
CG MSE A 427 4.89 4.21 -14.28
CG MSE A 427 7.68 3.39 -15.21
SE MSE A 427 4.16 2.43 -14.65
SE MSE A 427 7.98 2.88 -17.07
CE MSE A 427 2.25 2.80 -14.68
CE MSE A 427 8.98 4.37 -17.77
N LYS A 428 4.90 7.21 -14.96
CA LYS A 428 3.74 8.01 -14.49
C LYS A 428 2.48 7.24 -14.92
N MSE A 429 1.42 7.22 -14.08
CA MSE A 429 0.17 6.48 -14.45
C MSE A 429 -1.08 7.32 -14.23
O MSE A 429 -1.56 7.47 -13.11
CB MSE A 429 -0.01 5.11 -13.72
CG MSE A 429 -1.09 4.21 -14.45
SE MSE A 429 -1.94 2.55 -13.64
CE MSE A 429 -2.77 3.33 -12.01
N GLY A 430 -1.63 7.88 -15.31
CA GLY A 430 -2.90 8.59 -15.23
C GLY A 430 -2.87 9.95 -14.56
N ILE A 431 -2.13 10.06 -13.44
CA ILE A 431 -2.01 11.32 -12.72
C ILE A 431 -1.13 12.34 -13.45
N HIS A 432 -1.67 13.55 -13.66
CA HIS A 432 -0.91 14.71 -14.18
C HIS A 432 0.25 14.98 -13.20
N GLN A 433 1.31 15.63 -13.70
CA GLN A 433 2.48 15.95 -12.85
C GLN A 433 2.06 16.73 -11.58
N ASP A 434 1.17 17.71 -11.76
CA ASP A 434 0.68 18.57 -10.68
C ASP A 434 -0.09 17.87 -9.54
N SER A 435 -0.41 16.57 -9.70
CA SER A 435 -1.23 15.82 -8.76
C SER A 435 -0.68 15.78 -7.37
N LEU A 436 0.63 15.55 -7.24
CA LEU A 436 1.23 15.50 -5.89
C LEU A 436 1.05 16.81 -5.17
N ALA A 437 1.41 17.92 -5.81
CA ALA A 437 1.30 19.22 -5.15
C ALA A 437 -0.16 19.54 -4.84
N GLN A 438 -1.04 19.21 -5.76
CA GLN A 438 -2.46 19.49 -5.54
CA GLN A 438 -2.47 19.48 -5.54
C GLN A 438 -2.98 18.72 -4.33
N SER A 439 -2.47 17.51 -4.13
CA SER A 439 -2.97 16.68 -3.04
C SER A 439 -2.69 17.24 -1.61
N ALA A 440 -1.69 18.13 -1.51
CA ALA A 440 -1.31 18.75 -0.25
C ALA A 440 -1.94 20.13 -0.02
N THR A 441 -2.91 20.53 -0.88
CA THR A 441 -3.53 21.87 -0.75
CA THR A 441 -3.50 21.88 -0.73
C THR A 441 -4.07 22.18 0.66
N LEU A 442 -4.65 21.17 1.33
CA LEU A 442 -5.27 21.43 2.65
C LEU A 442 -4.29 21.62 3.80
N ALA A 443 -3.02 21.27 3.62
CA ALA A 443 -2.00 21.48 4.68
C ALA A 443 -1.67 22.96 4.73
N ASP A 444 -1.22 23.43 5.87
CA ASP A 444 -0.74 24.83 6.01
C ASP A 444 0.70 24.96 5.46
N HIS A 445 1.51 23.98 5.80
CA HIS A 445 2.86 23.86 5.28
C HIS A 445 3.13 22.42 4.96
N THR A 446 3.85 22.22 3.86
CA THR A 446 4.22 20.91 3.37
C THR A 446 5.73 20.86 3.11
N LEU A 447 6.36 19.84 3.71
CA LEU A 447 7.76 19.57 3.47
C LEU A 447 7.80 18.17 2.83
N TRP A 448 8.24 18.13 1.58
CA TRP A 448 8.38 16.93 0.80
C TRP A 448 9.83 16.49 0.89
N TYR A 449 10.07 15.20 0.82
CA TYR A 449 11.39 14.65 0.88
C TYR A 449 11.73 13.92 -0.41
N GLU A 450 12.88 14.31 -0.96
CA GLU A 450 13.51 13.70 -2.11
C GLU A 450 14.95 13.33 -1.70
N PRO A 451 15.33 12.04 -1.75
CA PRO A 451 16.66 11.74 -1.20
C PRO A 451 17.80 12.12 -2.10
N THR A 452 18.83 12.69 -1.47
CA THR A 452 20.07 13.01 -2.17
C THR A 452 20.64 11.75 -2.75
N GLY A 453 21.00 11.85 -4.01
CA GLY A 453 21.59 10.74 -4.75
C GLY A 453 20.59 9.90 -5.53
N LEU A 454 19.32 9.94 -5.12
CA LEU A 454 18.28 9.22 -5.83
C LEU A 454 17.15 10.17 -6.18
N GLU A 455 17.54 11.33 -6.67
CA GLU A 455 16.57 12.32 -7.07
C GLU A 455 15.80 11.75 -8.25
N TRP A 456 14.52 12.10 -8.32
CA TRP A 456 13.64 11.56 -9.35
C TRP A 456 12.68 12.61 -9.90
N GLY A 457 13.03 13.88 -9.77
CA GLY A 457 12.25 14.96 -10.34
C GLY A 457 11.19 15.54 -9.45
N LEU A 458 11.20 15.16 -8.16
CA LEU A 458 10.16 15.65 -7.24
C LEU A 458 10.19 17.16 -7.05
N LYS A 459 11.36 17.74 -6.83
CA LYS A 459 11.44 19.16 -6.53
C LYS A 459 10.84 19.97 -7.70
N GLU A 460 11.14 19.55 -8.92
CA GLU A 460 10.57 20.23 -10.09
C GLU A 460 9.07 20.11 -10.18
N VAL A 461 8.54 18.91 -9.94
CA VAL A 461 7.09 18.73 -10.08
C VAL A 461 6.38 19.58 -9.03
N ILE A 462 6.94 19.66 -7.82
CA ILE A 462 6.32 20.53 -6.78
C ILE A 462 6.45 22.02 -7.06
N ASP A 463 7.68 22.46 -7.35
CA ASP A 463 7.95 23.86 -7.62
C ASP A 463 7.18 24.33 -8.85
N ASN A 464 7.15 23.50 -9.90
CA ASN A 464 6.41 23.89 -11.13
C ASN A 464 4.90 24.03 -10.83
N ALA A 465 4.40 23.14 -9.98
CA ALA A 465 2.98 23.13 -9.60
C ALA A 465 2.61 24.36 -8.78
N THR A 466 3.44 24.71 -7.81
CA THR A 466 3.14 25.84 -6.95
C THR A 466 3.23 27.20 -7.70
N ILE A 467 4.06 27.30 -8.75
CA ILE A 467 4.04 28.48 -9.58
C ILE A 467 2.79 28.55 -10.47
N ALA A 468 2.43 27.41 -11.03
CA ALA A 468 1.31 27.32 -11.98
C ALA A 468 -0.07 27.44 -11.27
N ASN A 469 -0.11 27.11 -9.97
CA ASN A 469 -1.35 27.17 -9.16
CA ASN A 469 -1.35 27.21 -9.18
C ASN A 469 -1.07 27.60 -7.73
N PRO A 470 -0.95 28.91 -7.50
CA PRO A 470 -0.65 29.45 -6.18
C PRO A 470 -1.63 28.99 -5.11
N SER A 471 -2.85 28.59 -5.48
CA SER A 471 -3.85 28.18 -4.46
C SER A 471 -3.41 26.87 -3.75
N ILE A 472 -2.43 26.18 -4.30
CA ILE A 472 -1.97 24.94 -3.63
C ILE A 472 -1.02 25.24 -2.47
N GLY A 473 -0.75 26.52 -2.25
CA GLY A 473 -0.15 26.95 -0.99
C GLY A 473 1.34 26.71 -0.84
N SER A 474 1.74 26.58 0.43
CA SER A 474 3.14 26.62 0.85
C SER A 474 3.80 25.25 0.91
N GLN A 475 4.66 24.95 -0.05
CA GLN A 475 5.27 23.64 -0.18
C GLN A 475 6.73 23.75 -0.61
N GLN A 476 7.57 22.92 -0.01
CA GLN A 476 8.96 22.88 -0.38
C GLN A 476 9.48 21.49 -0.33
N VAL A 477 10.48 21.24 -1.15
CA VAL A 477 11.11 19.93 -1.21
C VAL A 477 12.51 20.02 -0.64
N LEU A 478 12.79 19.15 0.35
CA LEU A 478 14.07 19.12 1.05
C LEU A 478 14.75 17.80 0.73
N SER A 479 16.09 17.78 0.90
CA SER A 479 16.91 16.65 0.51
C SER A 479 17.57 15.88 1.63
N SER A 480 17.24 16.25 2.86
CA SER A 480 17.78 15.64 4.06
CA SER A 480 17.69 15.47 4.00
C SER A 480 16.65 15.51 5.10
N VAL A 481 16.54 14.35 5.73
CA VAL A 481 15.63 14.17 6.85
C VAL A 481 16.07 15.09 8.01
N ASP A 482 17.38 15.21 8.23
CA ASP A 482 17.85 16.13 9.27
C ASP A 482 17.35 17.57 9.02
N ASP A 483 17.40 18.04 7.78
CA ASP A 483 16.93 19.40 7.50
C ASP A 483 15.42 19.51 7.78
N ILE A 484 14.66 18.49 7.41
CA ILE A 484 13.23 18.48 7.68
C ILE A 484 12.98 18.52 9.16
N ILE A 485 13.70 17.69 9.92
CA ILE A 485 13.50 17.70 11.37
C ILE A 485 13.87 19.06 11.97
N LYS A 486 15.00 19.64 11.55
CA LYS A 486 15.38 20.96 12.03
C LYS A 486 14.32 22.00 11.68
N HIS A 487 13.81 21.91 10.47
CA HIS A 487 12.77 22.87 10.04
C HIS A 487 11.56 22.79 10.98
N ILE A 488 11.10 21.59 11.29
CA ILE A 488 9.96 21.39 12.19
CA ILE A 488 9.95 21.42 12.19
C ILE A 488 10.28 21.92 13.60
N CYS A 489 11.45 21.54 14.13
CA CYS A 489 11.81 21.92 15.50
C CYS A 489 11.90 23.44 15.61
N THR A 490 12.33 24.05 14.52
CA THR A 490 12.54 25.49 14.45
C THR A 490 11.24 26.26 14.36
N HIS A 491 10.35 25.84 13.46
CA HIS A 491 9.18 26.61 13.13
C HIS A 491 7.84 26.13 13.71
N ALA A 492 7.72 24.84 14.03
CA ALA A 492 6.47 24.35 14.58
C ALA A 492 6.35 24.87 15.99
N LYS A 493 5.13 25.11 16.45
CA LYS A 493 4.91 25.61 17.80
C LYS A 493 3.74 24.89 18.48
N ALA A 494 3.65 25.05 19.80
CA ALA A 494 2.58 24.46 20.65
C ALA A 494 1.25 24.61 19.96
N GLY A 495 0.49 23.52 19.85
CA GLY A 495 -0.83 23.53 19.22
C GLY A 495 -0.84 22.94 17.81
N ASP A 496 0.31 23.00 17.13
CA ASP A 496 0.40 22.50 15.77
C ASP A 496 0.25 21.00 15.74
N ALA A 497 -0.06 20.50 14.54
CA ALA A 497 -0.12 19.06 14.27
C ALA A 497 0.78 18.77 13.09
N ILE A 498 1.46 17.66 13.15
CA ILE A 498 2.36 17.21 12.11
CA ILE A 498 2.40 17.21 12.13
C ILE A 498 1.86 15.87 11.63
N VAL A 499 1.68 15.75 10.33
CA VAL A 499 1.26 14.49 9.75
C VAL A 499 2.37 13.98 8.83
N ILE A 500 2.99 12.84 9.23
CA ILE A 500 4.06 12.23 8.48
C ILE A 500 3.47 11.20 7.59
N MSE A 501 3.74 11.29 6.28
CA MSE A 501 3.18 10.43 5.28
C MSE A 501 4.28 9.75 4.49
O MSE A 501 5.14 10.43 3.93
CB MSE A 501 2.28 11.23 4.35
CG MSE A 501 0.94 11.47 4.98
SE MSE A 501 -0.22 12.59 3.93
CE MSE A 501 0.28 14.27 4.67
N SER A 502 4.25 8.41 4.45
CA SER A 502 5.22 7.59 3.68
CA SER A 502 5.19 7.61 3.66
C SER A 502 4.74 6.17 3.63
N ASN A 503 5.04 5.48 2.56
CA ASN A 503 4.69 4.07 2.50
C ASN A 503 5.55 3.21 3.46
N GLY A 504 6.67 3.77 3.93
CA GLY A 504 7.53 3.03 4.84
C GLY A 504 8.12 3.86 5.97
N GLY A 505 9.33 3.51 6.37
CA GLY A 505 9.95 4.14 7.54
C GLY A 505 10.53 5.54 7.37
N PHE A 506 10.58 6.09 6.14
CA PHE A 506 10.95 7.50 5.93
C PHE A 506 12.26 7.78 6.66
N GLU A 507 13.24 6.92 6.38
CA GLU A 507 14.58 7.00 6.98
C GLU A 507 14.63 7.10 8.49
N GLY A 508 13.61 6.56 9.15
CA GLY A 508 13.48 6.61 10.63
C GLY A 508 13.10 7.99 11.16
N ILE A 509 12.46 8.80 10.30
CA ILE A 509 12.06 10.14 10.74
C ILE A 509 11.17 10.13 11.98
N HIS A 510 10.30 9.11 12.14
CA HIS A 510 9.34 9.09 13.22
C HIS A 510 9.98 9.29 14.60
N GLN A 511 10.85 8.39 14.98
CA GLN A 511 11.51 8.52 16.30
C GLN A 511 12.53 9.66 16.29
N ARG A 512 13.17 9.92 15.14
CA ARG A 512 14.20 10.97 15.13
C ARG A 512 13.51 12.33 15.41
N LEU A 513 12.32 12.52 14.87
CA LEU A 513 11.57 13.75 15.10
C LEU A 513 11.09 13.84 16.54
N LEU A 514 10.53 12.75 17.05
CA LEU A 514 10.03 12.77 18.43
C LEU A 514 11.16 13.06 19.42
N THR A 515 12.32 12.45 19.17
CA THR A 515 13.49 12.70 20.03
C THR A 515 13.91 14.17 19.98
N ALA A 516 13.99 14.72 18.78
CA ALA A 516 14.42 16.12 18.59
C ALA A 516 13.44 17.08 19.27
N LEU A 517 12.15 16.88 19.00
CA LEU A 517 11.13 17.70 19.65
C LEU A 517 11.24 17.65 21.17
N GLY A 518 11.47 16.46 21.75
CA GLY A 518 11.63 16.37 23.21
C GLY A 518 12.90 16.98 23.78
N ASN A 519 13.88 17.30 22.93
CA ASN A 519 15.14 17.89 23.37
C ASN A 519 15.18 19.42 23.21
N ILE A 520 14.12 20.01 22.65
CA ILE A 520 14.08 21.47 22.49
C ILE A 520 14.07 22.14 23.85
N VAL A 521 14.99 23.10 24.07
CA VAL A 521 15.06 23.86 25.33
C VAL A 521 14.00 25.00 25.30
N ALA A 522 12.94 24.87 26.12
CA ALA A 522 11.88 25.91 26.19
C ALA A 522 12.41 27.18 26.86
N ILE A 523 11.69 28.30 26.71
CA ILE A 523 12.13 29.62 27.25
C ILE A 523 11.52 29.92 28.63
#